data_6TQP
#
_entry.id   6TQP
#
_cell.length_a   54.093
_cell.length_b   54.869
_cell.length_c   60.220
_cell.angle_alpha   90.000
_cell.angle_beta   90.000
_cell.angle_gamma   90.000
#
_symmetry.space_group_name_H-M   'P 21 21 21'
#
loop_
_entity.id
_entity.type
_entity.pdbx_description
1 polymer '16L protein'
2 polymer 'Bcl-2-binding component 3, isoforms 1/2'
3 non-polymer 'SODIUM ION'
4 water water
#
loop_
_entity_poly.entity_id
_entity_poly.type
_entity_poly.pdbx_seq_one_letter_code
_entity_poly.pdbx_strand_id
1 'polypeptide(L)'
;GPLGSMENSCNFNNSIKNVIVFYINEKALIEEKKMLSCYENKLLNLIKEDCENIMLKYKPNLSYICSLLKVDDTSEENIK
HIKDQIIESLENDNRPSVKLAIISLISMIVEMNGYKGKNIPMSFLIEDIALKISENSEDLINFINIKNKQKS
;
A
2 'polypeptide(L)' EEQWAREIGAQLRRMADDLNAQYERR B
#
# COMPACT_ATOMS: atom_id res chain seq x y z
N ASN A 8 11.78 10.57 17.58
CA ASN A 8 12.40 9.37 17.05
C ASN A 8 12.90 9.64 15.64
N SER A 9 12.04 10.28 14.86
CA SER A 9 12.42 10.91 13.60
C SER A 9 11.94 12.35 13.64
N CYS A 10 12.31 13.10 12.61
CA CYS A 10 11.87 14.49 12.55
C CYS A 10 10.40 14.61 12.13
N ASN A 11 9.90 13.70 11.29
CA ASN A 11 8.51 13.80 10.81
C ASN A 11 8.00 12.41 10.46
N PHE A 12 6.99 11.93 11.19
CA PHE A 12 6.53 10.55 11.06
C PHE A 12 5.86 10.29 9.72
N ASN A 13 5.03 11.22 9.24
CA ASN A 13 4.41 11.05 7.93
C ASN A 13 5.47 10.88 6.85
N ASN A 14 6.51 11.70 6.89
CA ASN A 14 7.60 11.59 5.92
C ASN A 14 8.28 10.23 6.02
N SER A 15 8.49 9.73 7.24
CA SER A 15 9.11 8.41 7.40
C SER A 15 8.30 7.34 6.68
N ILE A 16 6.98 7.32 6.91
CA ILE A 16 6.13 6.32 6.27
C ILE A 16 6.13 6.50 4.76
N LYS A 17 6.03 7.73 4.28
CA LYS A 17 6.05 7.95 2.84
C LYS A 17 7.33 7.38 2.22
N ASN A 18 8.48 7.66 2.84
CA ASN A 18 9.74 7.15 2.33
C ASN A 18 9.76 5.64 2.35
N VAL A 19 9.22 5.04 3.40
CA VAL A 19 9.25 3.58 3.53
C VAL A 19 8.41 2.94 2.44
N ILE A 20 7.25 3.53 2.14
CA ILE A 20 6.35 2.92 1.15
C ILE A 20 6.98 2.97 -0.24
N VAL A 21 7.52 4.12 -0.63
CA VAL A 21 8.15 4.23 -1.94
C VAL A 21 9.30 3.25 -2.06
N PHE A 22 10.13 3.18 -1.01
CA PHE A 22 11.24 2.24 -1.01
C PHE A 22 10.75 0.80 -1.15
N TYR A 23 9.73 0.44 -0.38
CA TYR A 23 9.21 -0.93 -0.40
C TYR A 23 8.66 -1.29 -1.77
N ILE A 24 7.79 -0.44 -2.32
CA ILE A 24 7.22 -0.69 -3.63
C ILE A 24 8.32 -0.85 -4.68
N ASN A 25 9.33 0.04 -4.64
CA ASN A 25 10.44 -0.09 -5.61
C ASN A 25 11.18 -1.40 -5.40
N GLU A 26 11.34 -1.83 -4.15
CA GLU A 26 12.00 -3.10 -3.87
C GLU A 26 11.21 -4.26 -4.46
N LYS A 27 9.88 -4.20 -4.40
CA LYS A 27 9.05 -5.25 -4.98
C LYS A 27 8.96 -5.15 -6.49
N ALA A 28 9.15 -3.96 -7.05
CA ALA A 28 9.29 -3.78 -8.48
C ALA A 28 10.64 -4.26 -9.00
N LEU A 29 11.56 -4.61 -8.10
CA LEU A 29 12.94 -4.93 -8.48
C LEU A 29 13.57 -3.74 -9.18
N ILE A 30 13.24 -2.55 -8.71
CA ILE A 30 13.80 -1.30 -9.19
C ILE A 30 14.98 -0.93 -8.31
N GLU A 31 16.07 -0.46 -8.93
CA GLU A 31 17.19 0.10 -8.19
C GLU A 31 16.69 1.26 -7.32
N GLU A 32 16.95 1.18 -6.02
CA GLU A 32 16.51 2.24 -5.12
C GLU A 32 17.28 3.52 -5.45
N LYS A 33 16.56 4.64 -5.46
CA LYS A 33 17.18 5.94 -5.69
C LYS A 33 17.64 6.59 -4.40
N LYS A 34 16.95 6.31 -3.30
CA LYS A 34 17.25 6.87 -1.99
C LYS A 34 17.14 5.74 -0.98
N MET A 35 18.09 5.70 -0.04
CA MET A 35 18.08 4.68 1.00
C MET A 35 17.31 5.21 2.21
N LEU A 36 17.20 4.38 3.24
CA LEU A 36 16.37 4.72 4.39
C LEU A 36 17.23 5.06 5.60
N SER A 37 16.67 5.90 6.47
CA SER A 37 17.26 6.17 7.76
C SER A 37 17.13 4.95 8.65
N CYS A 38 17.80 5.02 9.81
CA CYS A 38 17.70 3.96 10.80
C CYS A 38 16.26 3.72 11.22
N TYR A 39 15.53 4.80 11.48
CA TYR A 39 14.17 4.67 11.95
C TYR A 39 13.27 4.14 10.84
N GLU A 40 13.43 4.67 9.63
CA GLU A 40 12.63 4.19 8.50
C GLU A 40 12.91 2.72 8.24
N ASN A 41 14.17 2.30 8.36
CA ASN A 41 14.50 0.89 8.12
C ASN A 41 13.78 -0.01 9.11
N LYS A 42 13.64 0.44 10.36
CA LYS A 42 12.89 -0.33 11.35
C LYS A 42 11.44 -0.50 10.90
N LEU A 43 10.84 0.58 10.42
CA LEU A 43 9.45 0.51 9.97
C LEU A 43 9.32 -0.36 8.74
N LEU A 44 10.30 -0.29 7.84
CA LEU A 44 10.31 -1.16 6.67
C LEU A 44 10.23 -2.63 7.06
N ASN A 45 11.10 -3.06 7.99
CA ASN A 45 11.10 -4.46 8.39
C ASN A 45 9.73 -4.90 8.91
N LEU A 46 9.04 -4.02 9.62
CA LEU A 46 7.72 -4.38 10.16
C LEU A 46 6.69 -4.46 9.04
N ILE A 47 6.68 -3.47 8.16
CA ILE A 47 5.69 -3.41 7.09
C ILE A 47 5.91 -4.54 6.09
N LYS A 48 7.17 -4.83 5.79
CA LYS A 48 7.48 -5.88 4.83
C LYS A 48 6.89 -7.21 5.27
N GLU A 49 7.00 -7.55 6.55
CA GLU A 49 6.46 -8.81 7.03
C GLU A 49 4.95 -8.84 6.91
N ASP A 50 4.28 -7.78 7.36
CA ASP A 50 2.82 -7.73 7.26
C ASP A 50 2.35 -7.82 5.82
N CYS A 51 2.98 -7.05 4.92
CA CYS A 51 2.50 -7.01 3.54
C CYS A 51 2.81 -8.31 2.80
N GLU A 52 3.94 -8.96 3.09
CA GLU A 52 4.19 -10.27 2.50
C GLU A 52 3.19 -11.31 2.99
N ASN A 53 2.71 -11.18 4.23
CA ASN A 53 1.73 -12.13 4.74
C ASN A 53 0.36 -11.89 4.11
N ILE A 54 0.02 -10.62 3.87
CA ILE A 54 -1.24 -10.30 3.19
C ILE A 54 -1.21 -10.83 1.76
N MET A 55 -0.09 -10.62 1.07
CA MET A 55 0.05 -11.14 -0.29
C MET A 55 -0.11 -12.65 -0.31
N LEU A 56 0.42 -13.33 0.71
CA LEU A 56 0.38 -14.78 0.74
C LEU A 56 -1.04 -15.28 1.00
N LYS A 57 -1.79 -14.56 1.83
CA LYS A 57 -3.09 -15.05 2.24
C LYS A 57 -4.21 -14.60 1.32
N TYR A 58 -4.08 -13.42 0.70
CA TYR A 58 -5.16 -12.76 -0.03
C TYR A 58 -4.80 -12.48 -1.49
N LYS A 59 -3.88 -13.26 -2.06
CA LYS A 59 -3.53 -13.05 -3.46
C LYS A 59 -4.74 -13.06 -4.38
N PRO A 60 -5.68 -14.01 -4.26
CA PRO A 60 -6.85 -13.97 -5.17
C PRO A 60 -7.68 -12.71 -4.98
N ASN A 61 -7.78 -12.23 -3.75
CA ASN A 61 -8.58 -11.03 -3.48
C ASN A 61 -7.92 -9.81 -4.10
N LEU A 62 -6.60 -9.71 -3.97
CA LEU A 62 -5.89 -8.59 -4.59
C LEU A 62 -5.92 -8.70 -6.12
N SER A 63 -5.75 -9.91 -6.66
CA SER A 63 -5.83 -10.08 -8.11
C SER A 63 -7.20 -9.69 -8.64
N TYR A 64 -8.25 -9.99 -7.87
CA TYR A 64 -9.60 -9.58 -8.25
C TYR A 64 -9.70 -8.06 -8.33
N ILE A 65 -9.19 -7.37 -7.31
CA ILE A 65 -9.19 -5.92 -7.34
C ILE A 65 -8.47 -5.41 -8.58
N CYS A 66 -7.29 -5.97 -8.85
CA CYS A 66 -6.54 -5.56 -10.02
C CYS A 66 -7.32 -5.80 -11.30
N SER A 67 -8.12 -6.86 -11.35
CA SER A 67 -8.99 -7.06 -12.51
C SER A 67 -10.00 -5.92 -12.62
N LEU A 68 -10.61 -5.55 -11.50
CA LEU A 68 -11.53 -4.43 -11.53
C LEU A 68 -10.83 -3.15 -12.00
N LEU A 69 -9.62 -2.92 -11.49
CA LEU A 69 -8.88 -1.70 -11.82
C LEU A 69 -8.29 -1.72 -13.22
N LYS A 70 -8.42 -2.82 -13.95
CA LYS A 70 -7.87 -2.95 -15.31
C LYS A 70 -6.38 -2.62 -15.34
N VAL A 71 -5.63 -3.25 -14.43
CA VAL A 71 -4.21 -2.92 -14.28
C VAL A 71 -3.41 -3.24 -15.52
N ASP A 72 -3.94 -4.02 -16.44
CA ASP A 72 -3.22 -4.25 -17.68
C ASP A 72 -3.14 -2.99 -18.53
N ASP A 73 -4.01 -2.01 -18.30
CA ASP A 73 -4.04 -0.76 -19.05
C ASP A 73 -3.15 0.24 -18.34
N THR A 74 -1.96 0.51 -18.90
CA THR A 74 -1.01 1.41 -18.28
C THR A 74 -1.06 2.82 -18.84
N SER A 75 -2.11 3.16 -19.59
CA SER A 75 -2.24 4.51 -20.10
C SER A 75 -2.32 5.50 -18.96
N GLU A 76 -1.95 6.75 -19.24
CA GLU A 76 -2.02 7.79 -18.22
C GLU A 76 -3.44 7.94 -17.70
N GLU A 77 -4.44 7.84 -18.59
CA GLU A 77 -5.83 8.01 -18.19
C GLU A 77 -6.26 6.92 -17.22
N ASN A 78 -5.89 5.66 -17.49
CA ASN A 78 -6.31 4.59 -16.62
C ASN A 78 -5.49 4.55 -15.33
N ILE A 79 -4.22 4.95 -15.37
CA ILE A 79 -3.44 5.04 -14.14
C ILE A 79 -4.04 6.09 -13.21
N LYS A 80 -4.46 7.22 -13.76
CA LYS A 80 -5.14 8.23 -12.96
C LYS A 80 -6.42 7.64 -12.35
N HIS A 81 -7.15 6.88 -13.14
CA HIS A 81 -8.35 6.20 -12.67
C HIS A 81 -8.05 5.25 -11.52
N ILE A 82 -6.97 4.47 -11.63
CA ILE A 82 -6.58 3.57 -10.54
C ILE A 82 -6.27 4.37 -9.28
N LYS A 83 -5.47 5.43 -9.43
CA LYS A 83 -5.09 6.24 -8.28
C LYS A 83 -6.33 6.72 -7.55
N ASP A 84 -7.24 7.36 -8.28
CA ASP A 84 -8.41 7.94 -7.64
C ASP A 84 -9.28 6.88 -6.97
N GLN A 85 -9.39 5.69 -7.58
CA GLN A 85 -10.20 4.64 -6.95
C GLN A 85 -9.55 4.16 -5.65
N ILE A 86 -8.21 4.02 -5.64
CA ILE A 86 -7.55 3.56 -4.43
C ILE A 86 -7.65 4.65 -3.35
N ILE A 87 -7.37 5.90 -3.72
CA ILE A 87 -7.53 7.00 -2.77
C ILE A 87 -8.93 7.03 -2.21
N GLU A 88 -9.95 6.88 -3.06
CA GLU A 88 -11.33 6.91 -2.58
C GLU A 88 -11.58 5.79 -1.56
N SER A 89 -11.10 4.58 -1.86
CA SER A 89 -11.33 3.46 -0.95
C SER A 89 -10.65 3.71 0.38
N LEU A 90 -9.51 4.39 0.37
CA LEU A 90 -8.79 4.68 1.59
C LEU A 90 -9.50 5.77 2.41
N GLU A 91 -10.02 6.79 1.75
CA GLU A 91 -10.84 7.76 2.47
C GLU A 91 -12.09 7.12 3.03
N ASN A 92 -12.65 6.12 2.33
CA ASN A 92 -13.84 5.43 2.82
C ASN A 92 -13.57 4.58 4.04
N ASP A 93 -12.34 4.05 4.17
CA ASP A 93 -12.03 3.13 5.27
C ASP A 93 -10.56 3.35 5.67
N ASN A 94 -10.35 4.32 6.56
CA ASN A 94 -9.04 4.90 6.82
C ASN A 94 -8.19 4.12 7.84
N ARG A 95 -8.48 2.85 8.09
CA ARG A 95 -7.82 2.17 9.20
C ARG A 95 -6.37 1.79 8.86
N PRO A 96 -5.51 1.61 9.88
CA PRO A 96 -4.14 1.15 9.59
C PRO A 96 -4.08 -0.17 8.84
N SER A 97 -4.92 -1.14 9.22
CA SER A 97 -4.92 -2.42 8.54
C SER A 97 -5.29 -2.28 7.06
N VAL A 98 -6.22 -1.37 6.75
CA VAL A 98 -6.54 -1.10 5.35
C VAL A 98 -5.32 -0.56 4.62
N LYS A 99 -4.58 0.34 5.26
CA LYS A 99 -3.40 0.91 4.62
C LYS A 99 -2.39 -0.18 4.28
N LEU A 100 -2.21 -1.14 5.19
CA LEU A 100 -1.29 -2.24 4.90
C LEU A 100 -1.78 -3.04 3.70
N ALA A 101 -3.08 -3.34 3.65
CA ALA A 101 -3.62 -4.06 2.51
C ALA A 101 -3.38 -3.29 1.22
N ILE A 102 -3.51 -1.97 1.26
CA ILE A 102 -3.32 -1.18 0.04
C ILE A 102 -1.85 -1.22 -0.40
N ILE A 103 -0.91 -1.22 0.55
CA ILE A 103 0.49 -1.35 0.15
C ILE A 103 0.70 -2.66 -0.59
N SER A 104 0.10 -3.74 -0.08
CA SER A 104 0.20 -5.01 -0.77
C SER A 104 -0.45 -4.93 -2.15
N LEU A 105 -1.58 -4.23 -2.26
CA LEU A 105 -2.24 -4.09 -3.55
C LEU A 105 -1.34 -3.40 -4.56
N ILE A 106 -0.70 -2.30 -4.15
CA ILE A 106 0.22 -1.58 -5.04
C ILE A 106 1.35 -2.51 -5.47
N SER A 107 1.87 -3.30 -4.54
CA SER A 107 2.94 -4.24 -4.91
C SER A 107 2.49 -5.16 -6.04
N MET A 108 1.28 -5.70 -5.93
CA MET A 108 0.77 -6.56 -6.99
C MET A 108 0.58 -5.77 -8.29
N ILE A 109 0.01 -4.57 -8.21
CA ILE A 109 -0.19 -3.77 -9.43
C ILE A 109 1.13 -3.63 -10.17
N VAL A 110 2.18 -3.28 -9.42
CA VAL A 110 3.49 -3.06 -10.02
C VAL A 110 4.04 -4.36 -10.61
N GLU A 111 3.87 -5.47 -9.88
CA GLU A 111 4.34 -6.76 -10.37
C GLU A 111 3.57 -7.19 -11.61
N MET A 112 2.29 -6.82 -11.72
CA MET A 112 1.50 -7.21 -12.88
C MET A 112 1.81 -6.35 -14.10
N ASN A 113 1.70 -5.03 -13.96
CA ASN A 113 1.84 -4.13 -15.11
C ASN A 113 3.30 -3.87 -15.50
N GLY A 114 4.26 -4.58 -14.91
CA GLY A 114 5.65 -4.47 -15.33
C GLY A 114 6.30 -3.13 -15.07
N TYR A 115 5.84 -2.40 -14.05
CA TYR A 115 6.43 -1.11 -13.77
C TYR A 115 7.90 -1.25 -13.42
N LYS A 116 8.75 -0.43 -14.05
CA LYS A 116 10.18 -0.47 -13.80
C LYS A 116 10.77 0.92 -13.56
N GLY A 117 9.93 1.94 -13.32
CA GLY A 117 10.40 3.28 -12.99
C GLY A 117 10.23 4.30 -14.09
N LYS A 118 9.99 3.86 -15.34
CA LYS A 118 9.95 4.79 -16.45
C LYS A 118 8.53 5.28 -16.78
N ASN A 119 7.50 4.61 -16.29
CA ASN A 119 6.13 5.08 -16.50
C ASN A 119 5.86 6.18 -15.49
N ILE A 120 6.04 7.44 -15.92
CA ILE A 120 5.98 8.55 -14.97
C ILE A 120 4.63 8.63 -14.28
N PRO A 121 3.49 8.56 -14.98
CA PRO A 121 2.21 8.52 -14.26
C PRO A 121 2.14 7.46 -13.18
N MET A 122 2.73 6.28 -13.41
CA MET A 122 2.74 5.24 -12.38
C MET A 122 3.61 5.65 -11.20
N SER A 123 4.77 6.26 -11.47
CA SER A 123 5.59 6.74 -10.37
C SER A 123 4.81 7.72 -9.49
N PHE A 124 4.01 8.59 -10.11
CA PHE A 124 3.24 9.55 -9.32
C PHE A 124 2.09 8.89 -8.59
N LEU A 125 1.50 7.85 -9.19
CA LEU A 125 0.53 7.03 -8.46
C LEU A 125 1.14 6.51 -7.18
N ILE A 126 2.37 6.00 -7.27
CA ILE A 126 3.01 5.45 -6.08
C ILE A 126 3.24 6.56 -5.06
N GLU A 127 3.77 7.70 -5.54
CA GLU A 127 3.99 8.85 -4.66
C GLU A 127 2.68 9.30 -4.02
N ASP A 128 1.65 9.50 -4.83
CA ASP A 128 0.40 10.05 -4.33
C ASP A 128 -0.24 9.14 -3.28
N ILE A 129 -0.28 7.83 -3.54
CA ILE A 129 -0.88 6.92 -2.57
C ILE A 129 0.00 6.79 -1.33
N ALA A 130 1.32 6.82 -1.50
CA ALA A 130 2.20 6.85 -0.33
C ALA A 130 1.89 8.07 0.53
N LEU A 131 1.65 9.22 -0.11
CA LEU A 131 1.34 10.44 0.63
C LEU A 131 0.08 10.25 1.45
N LYS A 132 -0.98 9.74 0.83
CA LYS A 132 -2.24 9.57 1.53
C LYS A 132 -2.13 8.52 2.63
N ILE A 133 -1.37 7.46 2.39
CA ILE A 133 -1.21 6.46 3.45
C ILE A 133 -0.46 7.07 4.63
N SER A 134 0.45 8.01 4.36
CA SER A 134 1.30 8.60 5.39
C SER A 134 0.57 9.60 6.26
N GLU A 135 -0.62 10.05 5.88
CA GLU A 135 -1.38 10.92 6.75
C GLU A 135 -1.75 10.15 8.01
N ASN A 136 -1.74 10.83 9.16
CA ASN A 136 -2.03 10.18 10.43
C ASN A 136 -1.13 8.96 10.65
N SER A 137 0.15 9.09 10.29
CA SER A 137 1.05 7.94 10.37
C SER A 137 1.18 7.40 11.79
N GLU A 138 0.98 8.26 12.79
CA GLU A 138 1.08 7.82 14.19
C GLU A 138 0.21 6.60 14.45
N ASP A 139 -1.02 6.61 13.95
CA ASP A 139 -1.91 5.46 14.12
C ASP A 139 -1.38 4.23 13.40
N LEU A 140 -0.81 4.42 12.20
CA LEU A 140 -0.27 3.27 11.49
C LEU A 140 0.97 2.73 12.21
N ILE A 141 1.83 3.63 12.69
CA ILE A 141 3.03 3.18 13.39
C ILE A 141 2.66 2.40 14.64
N ASN A 142 1.70 2.93 15.41
CA ASN A 142 1.26 2.21 16.61
C ASN A 142 0.71 0.84 16.30
N PHE A 143 0.05 0.69 15.15
CA PHE A 143 -0.53 -0.61 14.81
C PHE A 143 0.54 -1.63 14.49
N ILE A 144 1.59 -1.23 13.76
CA ILE A 144 2.59 -2.21 13.36
C ILE A 144 3.62 -2.44 14.46
N ASN A 145 3.89 -1.44 15.29
CA ASN A 145 4.69 -1.67 16.49
C ASN A 145 4.01 -2.68 17.39
N ILE A 146 2.77 -2.39 17.78
CA ILE A 146 2.06 -3.25 18.72
C ILE A 146 1.62 -4.57 18.08
N LYS A 147 1.57 -4.64 16.75
CA LYS A 147 1.24 -5.90 16.09
C LYS A 147 2.04 -7.05 16.68
N ASN A 148 3.31 -6.80 17.04
CA ASN A 148 4.09 -7.75 17.79
C ASN A 148 4.48 -7.26 19.18
N LYS A 149 4.47 -5.95 19.42
CA LYS A 149 4.91 -5.40 20.70
C LYS A 149 3.72 -5.17 21.63
N GLU B 1 -13.66 8.76 -8.61
CA GLU B 1 -13.92 7.66 -9.53
C GLU B 1 -14.32 6.42 -8.74
N GLU B 2 -15.59 6.03 -8.88
CA GLU B 2 -16.23 5.21 -7.86
C GLU B 2 -16.93 3.95 -8.37
N GLN B 3 -16.74 3.55 -9.64
CA GLN B 3 -17.56 2.44 -10.15
C GLN B 3 -17.37 1.17 -9.33
N TRP B 4 -16.17 0.94 -8.77
CA TRP B 4 -15.88 -0.27 -8.03
C TRP B 4 -15.65 -0.02 -6.54
N ALA B 5 -16.09 1.13 -6.03
CA ALA B 5 -15.79 1.47 -4.64
C ALA B 5 -16.38 0.45 -3.68
N ARG B 6 -17.60 -0.01 -3.95
CA ARG B 6 -18.22 -0.96 -3.03
C ARG B 6 -17.49 -2.30 -3.07
N GLU B 7 -17.18 -2.80 -4.26
CA GLU B 7 -16.55 -4.11 -4.39
C GLU B 7 -15.16 -4.11 -3.80
N ILE B 8 -14.38 -3.09 -4.11
CA ILE B 8 -13.04 -2.98 -3.56
C ILE B 8 -13.12 -2.78 -2.05
N GLY B 9 -13.99 -1.88 -1.62
CA GLY B 9 -14.18 -1.67 -0.19
C GLY B 9 -14.42 -2.96 0.57
N ALA B 10 -15.33 -3.80 0.06
CA ALA B 10 -15.64 -5.05 0.73
C ALA B 10 -14.42 -5.96 0.83
N GLN B 11 -13.59 -5.98 -0.21
CA GLN B 11 -12.38 -6.80 -0.16
C GLN B 11 -11.40 -6.25 0.87
N LEU B 12 -11.16 -4.94 0.85
CA LEU B 12 -10.27 -4.33 1.83
C LEU B 12 -10.78 -4.57 3.24
N ARG B 13 -12.11 -4.52 3.42
CA ARG B 13 -12.66 -4.70 4.75
C ARG B 13 -12.35 -6.10 5.28
N ARG B 14 -12.49 -7.12 4.44
CA ARG B 14 -12.23 -8.47 4.90
C ARG B 14 -10.76 -8.66 5.29
N MET B 15 -9.84 -8.13 4.46
CA MET B 15 -8.42 -8.24 4.79
C MET B 15 -8.10 -7.45 6.04
N ALA B 16 -8.70 -6.27 6.18
CA ALA B 16 -8.41 -5.42 7.33
C ALA B 16 -8.91 -6.04 8.61
N ASP B 17 -10.14 -6.58 8.59
CA ASP B 17 -10.69 -7.22 9.78
C ASP B 17 -9.80 -8.37 10.23
N ASP B 18 -9.30 -9.16 9.28
CA ASP B 18 -8.45 -10.30 9.62
C ASP B 18 -7.15 -9.82 10.25
N LEU B 19 -6.53 -8.81 9.66
CA LEU B 19 -5.33 -8.22 10.25
C LEU B 19 -5.60 -7.73 11.67
N ASN B 20 -6.77 -7.10 11.88
CA ASN B 20 -7.13 -6.69 13.24
C ASN B 20 -7.26 -7.89 14.17
N ALA B 21 -7.82 -8.99 13.69
CA ALA B 21 -7.90 -10.19 14.53
C ALA B 21 -6.50 -10.66 14.94
N GLN B 22 -5.59 -10.75 13.98
CA GLN B 22 -4.22 -11.14 14.31
C GLN B 22 -3.62 -10.19 15.34
N TYR B 23 -3.81 -8.89 15.12
CA TYR B 23 -3.31 -7.89 16.06
C TYR B 23 -3.88 -8.13 17.45
N GLU B 24 -5.18 -8.41 17.54
CA GLU B 24 -5.83 -8.60 18.82
C GLU B 24 -5.28 -9.82 19.55
N ARG B 25 -4.97 -10.89 18.82
CA ARG B 25 -4.19 -12.00 19.35
C ARG B 25 -2.71 -11.69 19.45
N ARG B 26 -2.28 -10.53 18.93
CA ARG B 26 -0.88 -10.10 18.86
C ARG B 26 0.12 -11.25 18.78
#